data_8QAZ
#
_entry.id   8QAZ
#
_cell.length_a   60.552
_cell.length_b   60.552
_cell.length_c   62.507
_cell.angle_alpha   90.00
_cell.angle_beta   90.00
_cell.angle_gamma   120.00
#
_symmetry.space_group_name_H-M   'P 32 2 1'
#
loop_
_entity.id
_entity.type
_entity.pdbx_description
1 polymer Peregrin
2 non-polymer 2-[4-[4-ethanoyl-5-methyl-3-(3-methylbutyl)-1~{H}-pyrrol-2-yl]-1,3-thiazol-2-yl]guanidine
3 non-polymer 'NITRATE ION'
4 water water
#
_entity_poly.entity_id   1
_entity_poly.type   'polypeptide(L)'
_entity_poly.pdbx_seq_one_letter_code
;SMEMQLTPFLILLRKTLEQLQEKDTGNIFSEPVPLSEVPDYLDHIKKPMDFFTMKQNLEAYRYLNFDDFEEDFNLIVSNC
LKYNAKDTIFYRAAVRLREQGGAVLRQARRQAEKMG
;
_entity_poly.pdbx_strand_id   A
#
# COMPACT_ATOMS: atom_id res chain seq x y z
N GLU A 3 0.92 -2.20 22.23
CA GLU A 3 1.45 -1.55 23.42
C GLU A 3 2.66 -0.68 23.08
N MET A 4 2.40 0.61 22.86
CA MET A 4 3.45 1.55 22.51
C MET A 4 2.85 2.94 22.40
N GLN A 5 3.73 3.92 22.31
CA GLN A 5 3.32 5.30 22.15
C GLN A 5 2.82 5.51 20.73
N LEU A 6 1.75 6.30 20.60
CA LEU A 6 1.13 6.49 19.30
C LEU A 6 2.04 7.29 18.36
N THR A 7 2.61 8.39 18.85
CA THR A 7 3.35 9.29 17.96
C THR A 7 4.49 8.59 17.25
N PRO A 8 5.39 7.86 17.91
CA PRO A 8 6.45 7.20 17.15
C PRO A 8 5.93 6.18 16.17
N PHE A 9 4.85 5.50 16.49
CA PHE A 9 4.29 4.54 15.55
C PHE A 9 3.81 5.23 14.29
N LEU A 10 3.09 6.35 14.43
CA LEU A 10 2.63 7.06 13.24
C LEU A 10 3.80 7.61 12.44
N ILE A 11 4.85 8.08 13.10
CA ILE A 11 6.05 8.52 12.37
C ILE A 11 6.62 7.38 11.55
N LEU A 12 6.72 6.18 12.13
CA LEU A 12 7.20 5.00 11.42
C LEU A 12 6.31 4.68 10.22
N LEU A 13 4.98 4.73 10.41
CA LEU A 13 4.12 4.42 9.28
C LEU A 13 4.25 5.46 8.17
N ARG A 14 4.41 6.74 8.53
CA ARG A 14 4.62 7.78 7.51
C ARG A 14 5.89 7.50 6.72
N LYS A 15 6.97 7.16 7.40
CA LYS A 15 8.23 6.85 6.72
C LYS A 15 8.08 5.63 5.85
N THR A 16 7.42 4.60 6.36
CA THR A 16 7.23 3.36 5.61
C THR A 16 6.39 3.62 4.37
N LEU A 17 5.31 4.42 4.50
CA LEU A 17 4.49 4.74 3.36
C LEU A 17 5.30 5.48 2.30
N GLU A 18 6.15 6.42 2.72
CA GLU A 18 7.03 7.09 1.77
C GLU A 18 7.97 6.08 1.07
N GLN A 19 8.52 5.13 1.82
CA GLN A 19 9.40 4.13 1.20
C GLN A 19 8.66 3.26 0.18
N LEU A 20 7.42 2.87 0.49
CA LEU A 20 6.63 2.09 -0.46
C LEU A 20 6.31 2.91 -1.71
N GLN A 21 5.93 4.18 -1.53
CA GLN A 21 5.65 5.02 -2.69
C GLN A 21 6.88 5.17 -3.57
N GLU A 22 8.07 5.27 -2.96
CA GLU A 22 9.30 5.38 -3.74
C GLU A 22 9.51 4.17 -4.62
N LYS A 23 8.96 3.01 -4.25
CA LYS A 23 9.08 1.82 -5.09
C LYS A 23 8.15 1.85 -6.28
N ASP A 24 7.10 2.66 -6.23
CA ASP A 24 6.16 2.79 -7.34
C ASP A 24 6.67 3.92 -8.22
N THR A 25 7.69 3.60 -9.03
CA THR A 25 8.40 4.66 -9.75
C THR A 25 7.52 5.32 -10.82
N GLY A 26 6.58 4.59 -11.39
CA GLY A 26 5.65 5.11 -12.36
C GLY A 26 4.47 5.85 -11.77
N ASN A 27 4.40 5.88 -10.45
CA ASN A 27 3.30 6.51 -9.72
C ASN A 27 1.94 5.98 -10.16
N ILE A 28 1.88 4.72 -10.59
CA ILE A 28 0.60 4.15 -11.02
C ILE A 28 -0.28 3.74 -9.85
N PHE A 29 0.25 3.72 -8.63
CA PHE A 29 -0.50 3.38 -7.43
C PHE A 29 -0.67 4.57 -6.50
N SER A 30 -0.33 5.77 -6.95
CA SER A 30 -0.32 6.92 -6.06
CA SER A 30 -0.31 6.96 -6.10
C SER A 30 -1.70 7.53 -5.86
N GLU A 31 -2.64 7.30 -6.76
CA GLU A 31 -3.97 7.86 -6.68
C GLU A 31 -4.97 6.79 -7.06
N PRO A 32 -6.24 6.94 -6.68
CA PRO A 32 -7.23 5.93 -7.05
C PRO A 32 -7.26 5.69 -8.55
N VAL A 33 -7.43 4.43 -8.92
CA VAL A 33 -7.69 4.07 -10.31
C VAL A 33 -8.84 4.95 -10.79
N PRO A 34 -8.66 5.73 -11.88
CA PRO A 34 -9.72 6.61 -12.35
C PRO A 34 -10.90 5.85 -12.94
N LEU A 35 -12.00 5.78 -12.20
CA LEU A 35 -13.12 4.95 -12.62
C LEU A 35 -13.75 5.46 -13.90
N SER A 36 -13.55 6.73 -14.24
CA SER A 36 -14.08 7.25 -15.50
C SER A 36 -13.34 6.66 -16.71
N GLU A 37 -12.07 6.35 -16.54
CA GLU A 37 -11.26 5.75 -17.59
C GLU A 37 -11.32 4.24 -17.60
N VAL A 38 -11.82 3.63 -16.53
CA VAL A 38 -11.89 2.17 -16.40
C VAL A 38 -13.30 1.81 -15.94
N PRO A 39 -14.32 1.97 -16.79
CA PRO A 39 -15.69 1.83 -16.30
C PRO A 39 -16.04 0.49 -15.70
N ASP A 40 -15.32 -0.59 -16.00
CA ASP A 40 -15.64 -1.91 -15.48
C ASP A 40 -14.80 -2.27 -14.25
N TYR A 41 -14.02 -1.33 -13.73
CA TYR A 41 -13.07 -1.66 -12.67
C TYR A 41 -13.76 -2.30 -11.49
N LEU A 42 -14.90 -1.75 -11.05
CA LEU A 42 -15.58 -2.26 -9.87
C LEU A 42 -16.41 -3.51 -10.12
N ASP A 43 -16.47 -4.01 -11.36
CA ASP A 43 -17.21 -5.25 -11.59
C ASP A 43 -16.71 -6.37 -10.68
N HIS A 44 -15.40 -6.41 -10.43
CA HIS A 44 -14.80 -7.47 -9.63
C HIS A 44 -13.80 -6.99 -8.58
N ILE A 45 -13.56 -5.68 -8.48
CA ILE A 45 -12.72 -5.12 -7.43
C ILE A 45 -13.64 -4.61 -6.33
N LYS A 46 -13.58 -5.26 -5.17
CA LYS A 46 -14.51 -4.96 -4.08
C LYS A 46 -14.10 -3.73 -3.29
N LYS A 47 -12.79 -3.49 -3.14
CA LYS A 47 -12.28 -2.38 -2.34
C LYS A 47 -11.05 -1.81 -3.02
N PRO A 48 -11.23 -0.80 -3.86
CA PRO A 48 -10.06 -0.11 -4.44
C PRO A 48 -9.16 0.46 -3.35
N MET A 49 -7.87 0.55 -3.66
CA MET A 49 -6.91 1.14 -2.74
C MET A 49 -5.75 1.74 -3.50
N ASP A 50 -5.13 2.75 -2.89
CA ASP A 50 -4.02 3.48 -3.49
C ASP A 50 -3.27 4.21 -2.37
N PHE A 51 -2.07 4.70 -2.69
CA PHE A 51 -1.24 5.30 -1.65
C PHE A 51 -1.79 6.63 -1.13
N PHE A 52 -2.49 7.42 -1.95
CA PHE A 52 -3.09 8.65 -1.44
C PHE A 52 -4.16 8.33 -0.41
N THR A 53 -5.02 7.35 -0.70
CA THR A 53 -6.02 6.94 0.28
C THR A 53 -5.35 6.42 1.55
N MET A 54 -4.25 5.67 1.40
CA MET A 54 -3.55 5.20 2.58
C MET A 54 -3.04 6.36 3.42
N LYS A 55 -2.50 7.39 2.78
CA LYS A 55 -2.05 8.57 3.51
C LYS A 55 -3.19 9.22 4.27
N GLN A 56 -4.36 9.35 3.64
N GLN A 56 -4.34 9.39 3.62
CA GLN A 56 -5.51 9.95 4.32
CA GLN A 56 -5.52 9.91 4.29
C GLN A 56 -6.00 9.07 5.46
C GLN A 56 -5.90 9.06 5.49
N ASN A 57 -5.95 7.74 5.28
CA ASN A 57 -6.29 6.85 6.39
C ASN A 57 -5.29 6.97 7.53
N LEU A 58 -4.01 7.06 7.19
CA LEU A 58 -2.98 7.20 8.22
C LEU A 58 -3.22 8.45 9.05
N GLU A 59 -3.49 9.57 8.38
CA GLU A 59 -3.65 10.84 9.09
C GLU A 59 -4.97 10.93 9.83
N ALA A 60 -5.94 10.08 9.48
CA ALA A 60 -7.20 10.01 10.20
C ALA A 60 -7.15 9.00 11.35
N TYR A 61 -5.97 8.47 11.66
CA TYR A 61 -5.79 7.55 12.79
C TYR A 61 -6.51 6.22 12.54
N ARG A 62 -6.59 5.80 11.28
CA ARG A 62 -7.25 4.55 10.94
C ARG A 62 -6.30 3.37 10.99
N TYR A 63 -4.99 3.58 11.03
CA TYR A 63 -4.01 2.50 11.15
C TYR A 63 -3.40 2.59 12.54
N LEU A 64 -3.80 1.67 13.42
CA LEU A 64 -3.28 1.64 14.79
C LEU A 64 -2.51 0.37 15.07
N ASN A 65 -2.31 -0.48 14.06
CA ASN A 65 -1.39 -1.59 14.17
C ASN A 65 -0.81 -1.81 12.79
N PHE A 66 0.30 -2.55 12.77
CA PHE A 66 1.00 -2.73 11.51
C PHE A 66 0.16 -3.52 10.52
N ASP A 67 -0.60 -4.50 11.01
CA ASP A 67 -1.33 -5.35 10.10
C ASP A 67 -2.40 -4.59 9.35
N ASP A 68 -3.03 -3.58 9.96
CA ASP A 68 -4.03 -2.85 9.19
C ASP A 68 -3.42 -2.01 8.10
N PHE A 69 -2.23 -1.49 8.33
CA PHE A 69 -1.48 -0.77 7.30
C PHE A 69 -1.08 -1.73 6.18
N GLU A 70 -0.53 -2.88 6.55
CA GLU A 70 -0.04 -3.84 5.55
C GLU A 70 -1.19 -4.41 4.74
N GLU A 71 -2.36 -4.58 5.35
CA GLU A 71 -3.53 -5.09 4.63
C GLU A 71 -3.91 -4.17 3.47
N ASP A 72 -3.87 -2.85 3.67
CA ASP A 72 -4.23 -1.93 2.61
C ASP A 72 -3.16 -1.88 1.52
N PHE A 73 -1.88 -1.96 1.90
CA PHE A 73 -0.83 -2.12 0.89
C PHE A 73 -1.08 -3.39 0.06
N ASN A 74 -1.40 -4.50 0.73
CA ASN A 74 -1.65 -5.74 0.01
C ASN A 74 -2.81 -5.62 -0.96
N LEU A 75 -3.82 -4.79 -0.64
CA LEU A 75 -4.93 -4.56 -1.56
C LEU A 75 -4.48 -3.84 -2.83
N ILE A 76 -3.58 -2.87 -2.70
CA ILE A 76 -3.05 -2.21 -3.89
C ILE A 76 -2.48 -3.25 -4.84
N VAL A 77 -1.67 -4.16 -4.30
CA VAL A 77 -1.06 -5.20 -5.10
C VAL A 77 -2.12 -6.16 -5.64
N SER A 78 -2.95 -6.71 -4.76
CA SER A 78 -3.87 -7.76 -5.20
CA SER A 78 -3.89 -7.76 -5.17
C SER A 78 -4.93 -7.26 -6.17
N ASN A 79 -5.38 -6.01 -6.01
CA ASN A 79 -6.36 -5.46 -6.96
C ASN A 79 -5.74 -5.37 -8.34
N CYS A 80 -4.48 -4.97 -8.41
CA CYS A 80 -3.82 -4.81 -9.70
C CYS A 80 -3.58 -6.17 -10.36
N LEU A 81 -3.16 -7.16 -9.57
CA LEU A 81 -2.99 -8.51 -10.12
C LEU A 81 -4.34 -9.04 -10.62
N LYS A 82 -5.42 -8.77 -9.88
CA LYS A 82 -6.71 -9.29 -10.27
C LYS A 82 -7.24 -8.65 -11.55
N TYR A 83 -7.17 -7.32 -11.64
CA TYR A 83 -7.79 -6.62 -12.76
C TYR A 83 -7.04 -6.83 -14.07
N ASN A 84 -5.72 -6.85 -14.02
CA ASN A 84 -4.89 -6.75 -15.22
C ASN A 84 -4.39 -8.13 -15.66
N ALA A 85 -4.32 -8.33 -16.97
CA ALA A 85 -3.81 -9.57 -17.49
C ALA A 85 -2.33 -9.72 -17.17
N LYS A 86 -1.87 -10.98 -17.11
CA LYS A 86 -0.49 -11.26 -16.74
C LYS A 86 0.49 -10.61 -17.68
N ASP A 87 0.15 -10.48 -18.97
CA ASP A 87 1.08 -9.96 -19.97
C ASP A 87 1.07 -8.43 -20.07
N THR A 88 0.84 -7.74 -18.98
CA THR A 88 0.78 -6.29 -18.98
C THR A 88 1.83 -5.72 -18.04
N ILE A 89 2.22 -4.49 -18.35
CA ILE A 89 3.13 -3.78 -17.46
C ILE A 89 2.50 -3.63 -16.07
N PHE A 90 1.20 -3.35 -16.00
CA PHE A 90 0.57 -3.15 -14.70
C PHE A 90 0.68 -4.39 -13.83
N TYR A 91 0.41 -5.58 -14.40
CA TYR A 91 0.52 -6.80 -13.62
C TYR A 91 1.95 -6.99 -13.11
N ARG A 92 2.93 -6.83 -14.00
CA ARG A 92 4.32 -7.01 -13.55
C ARG A 92 4.74 -5.96 -12.56
N ALA A 93 4.21 -4.74 -12.68
CA ALA A 93 4.50 -3.70 -11.71
C ALA A 93 3.98 -4.08 -10.32
N ALA A 94 2.81 -4.70 -10.26
CA ALA A 94 2.30 -5.16 -8.98
C ALA A 94 3.17 -6.27 -8.39
N VAL A 95 3.64 -7.19 -9.22
CA VAL A 95 4.57 -8.22 -8.73
C VAL A 95 5.82 -7.56 -8.14
N ARG A 96 6.38 -6.60 -8.87
CA ARG A 96 7.59 -5.94 -8.41
C ARG A 96 7.33 -5.19 -7.12
N LEU A 97 6.17 -4.55 -7.01
CA LEU A 97 5.84 -3.83 -5.77
C LEU A 97 5.66 -4.80 -4.61
N ARG A 98 5.02 -5.93 -4.84
CA ARG A 98 4.90 -6.95 -3.82
C ARG A 98 6.26 -7.35 -3.28
N GLU A 99 7.22 -7.57 -4.18
CA GLU A 99 8.55 -8.00 -3.77
C GLU A 99 9.30 -6.88 -3.06
N GLN A 100 9.39 -5.72 -3.70
CA GLN A 100 10.16 -4.64 -3.10
C GLN A 100 9.47 -4.10 -1.84
N GLY A 101 8.16 -3.97 -1.90
CA GLY A 101 7.41 -3.49 -0.74
C GLY A 101 7.45 -4.47 0.42
N GLY A 102 7.42 -5.77 0.13
CA GLY A 102 7.53 -6.74 1.20
C GLY A 102 8.79 -6.54 2.03
N ALA A 103 9.90 -6.22 1.38
CA ALA A 103 11.15 -6.02 2.09
C ALA A 103 11.09 -4.76 2.95
N VAL A 104 10.50 -3.68 2.43
CA VAL A 104 10.29 -2.47 3.21
C VAL A 104 9.43 -2.77 4.43
N LEU A 105 8.39 -3.58 4.27
CA LEU A 105 7.46 -3.85 5.36
C LEU A 105 8.09 -4.70 6.44
N ARG A 106 8.89 -5.70 6.07
CA ARG A 106 9.52 -6.55 7.08
CA ARG A 106 9.54 -6.55 7.06
C ARG A 106 10.44 -5.71 7.96
N GLN A 107 11.23 -4.81 7.37
CA GLN A 107 12.10 -3.97 8.16
C GLN A 107 11.30 -3.02 9.04
N ALA A 108 10.23 -2.44 8.52
CA ALA A 108 9.43 -1.52 9.32
C ALA A 108 8.78 -2.25 10.50
N ARG A 109 8.32 -3.47 10.28
CA ARG A 109 7.72 -4.23 11.37
C ARG A 109 8.76 -4.55 12.45
N ARG A 110 9.99 -4.86 12.05
CA ARG A 110 11.04 -5.11 13.03
CA ARG A 110 11.03 -5.12 13.03
C ARG A 110 11.28 -3.87 13.88
N GLN A 111 11.20 -2.69 13.27
CA GLN A 111 11.34 -1.45 14.04
CA GLN A 111 11.34 -1.44 14.03
C GLN A 111 10.19 -1.27 15.02
N ALA A 112 8.96 -1.56 14.59
CA ALA A 112 7.81 -1.42 15.47
C ALA A 112 7.92 -2.34 16.67
N GLU A 113 8.42 -3.55 16.46
CA GLU A 113 8.50 -4.53 17.53
C GLU A 113 9.46 -4.10 18.64
N LYS A 114 10.35 -3.14 18.37
CA LYS A 114 11.23 -2.60 19.39
C LYS A 114 10.63 -1.43 20.16
N MET A 115 9.40 -1.03 19.83
CA MET A 115 8.77 0.12 20.47
C MET A 115 8.05 -0.28 21.75
#